data_8CZV
#
_entry.id   8CZV
#
_cell.length_a   101.470
_cell.length_b   57.450
_cell.length_c   49.858
_cell.angle_alpha   90.000
_cell.angle_beta   112.470
_cell.angle_gamma   90.000
#
_symmetry.space_group_name_H-M   'C 1 2 1'
#
loop_
_entity.id
_entity.type
_entity.pdbx_description
1 polymer '3C-like proteinase'
2 non-polymer '[(1~{S},2~{R})-2-[4,4-bis(fluoranyl)cyclohexyl]cyclopropyl]methyl ~{N}-[(2~{S})-1-[[(1~{R},2~{S})-1-[bis(oxidanyl)-oxidanylidene-$l^{5}-sulfanyl]-1-oxidanyl-3-[(3~{S})-2-oxidanylidenepyrrolidin-3-yl]propan-2-yl]amino]-4-methyl-1-oxidanylidene-pentan-2-yl]carbamate'
3 non-polymer '[(1~{S},2~{R})-2-[4,4-bis(fluoranyl)cyclohexyl]cyclopropyl]methyl ~{N}-[(2~{S})-1-[[(1~{S},2~{S})-1-[bis(oxidanyl)-oxidanylidene-$l^{5}-sulfanyl]-1-oxidanyl-3-[(3~{S})-2-oxidanylidenepyrrolidin-3-yl]propan-2-yl]amino]-4-methyl-1-oxidanylidene-pentan-2-yl]carbamate'
4 water water
#
_entity_poly.entity_id   1
_entity_poly.type   'polypeptide(L)'
_entity_poly.pdbx_seq_one_letter_code
;MHHHHHHSGLVKMSHPSGDVEACMVQVTCGSMTLNGLWLDNTVWCPRHVMCPADQLSDPNYDALLISMTNHSFSVQKHIG
APANLRVVGHAMQGTLLKLTVDVANPSTPAYTFTTVKPGAAFSVLACYNGRPTGTFTVVMRPNYTIKGSFLCGSCGSVGY
TKEGSVINFCYMHQMELANGTHTGSAFDGTMYGAFMDKQVHQVQLTDKYCSVNVVAWLYAAILNGCAWFVKPNRTSVVSF
NEWALANQFTEFVGTQSVDMLAVKTGVAIEQLLYAIQQLYTGFQGKQILGSTMLEDEFTPEDVNMQIMGVVMQ
;
_entity_poly.pdbx_strand_id   A
#
# COMPACT_ATOMS: atom_id res chain seq x y z
N HIS A 6 -13.85 -13.97 -21.95
CA HIS A 6 -13.27 -15.02 -21.07
C HIS A 6 -12.16 -14.44 -20.20
N HIS A 7 -11.36 -13.52 -20.75
CA HIS A 7 -10.33 -12.83 -19.99
C HIS A 7 -10.82 -11.44 -19.59
N SER A 8 -10.69 -11.13 -18.29
CA SER A 8 -11.24 -9.90 -17.75
C SER A 8 -10.55 -8.66 -18.29
N GLY A 9 -9.34 -8.80 -18.81
CA GLY A 9 -8.54 -7.63 -19.07
C GLY A 9 -8.04 -6.91 -17.84
N LEU A 10 -8.08 -7.57 -16.67
CA LEU A 10 -7.55 -7.02 -15.43
C LEU A 10 -6.21 -7.65 -15.07
N VAL A 11 -5.21 -6.82 -14.84
CA VAL A 11 -3.92 -7.23 -14.31
C VAL A 11 -3.58 -6.33 -13.11
N LYS A 12 -2.68 -6.82 -12.27
CA LYS A 12 -2.10 -5.95 -11.24
C LYS A 12 -1.19 -4.95 -11.94
N MET A 13 -1.61 -3.71 -11.95
CA MET A 13 -0.98 -2.67 -12.77
C MET A 13 -0.32 -1.68 -11.85
N SER A 14 0.97 -1.48 -12.05
CA SER A 14 1.71 -0.50 -11.26
C SER A 14 2.00 0.73 -12.11
N HIS A 15 2.32 1.81 -11.43
CA HIS A 15 2.79 2.99 -12.13
C HIS A 15 4.17 2.72 -12.71
N PRO A 16 4.49 3.34 -13.83
CA PRO A 16 5.88 3.37 -14.27
C PRO A 16 6.74 3.93 -13.14
N SER A 17 7.86 3.29 -12.88
CA SER A 17 8.65 3.53 -11.68
C SER A 17 9.85 4.44 -11.89
N GLY A 18 10.10 4.90 -13.13
CA GLY A 18 11.31 5.65 -13.42
C GLY A 18 11.49 6.87 -12.53
N ASP A 19 10.42 7.65 -12.33
CA ASP A 19 10.53 8.86 -11.52
C ASP A 19 11.02 8.56 -10.12
N VAL A 20 10.59 7.43 -9.56
CA VAL A 20 10.93 7.11 -8.17
C VAL A 20 12.30 6.43 -8.08
N GLU A 21 12.66 5.66 -9.11
CA GLU A 21 13.99 5.05 -9.13
C GLU A 21 15.07 6.11 -8.97
N ALA A 22 14.92 7.24 -9.66
CA ALA A 22 15.92 8.31 -9.57
C ALA A 22 16.01 8.96 -8.19
N CYS A 23 15.14 8.59 -7.24
CA CYS A 23 15.13 9.15 -5.89
C CYS A 23 15.67 8.19 -4.83
N MET A 24 16.05 6.97 -5.20
CA MET A 24 16.45 5.97 -4.22
C MET A 24 17.95 6.05 -3.93
N VAL A 25 18.30 5.92 -2.66
CA VAL A 25 19.69 5.95 -2.23
C VAL A 25 19.87 4.81 -1.24
N GLN A 26 21.11 4.58 -0.87
CA GLN A 26 21.47 3.65 0.20
C GLN A 26 21.86 4.45 1.44
N VAL A 27 21.38 4.00 2.60
CA VAL A 27 21.69 4.61 3.89
C VAL A 27 22.24 3.53 4.80
N THR A 28 23.36 3.82 5.47
CA THR A 28 23.88 2.89 6.44
C THR A 28 24.41 3.66 7.65
N CYS A 29 24.43 2.96 8.79
CA CYS A 29 24.96 3.48 10.05
C CYS A 29 26.11 2.65 10.59
N GLY A 30 26.61 1.69 9.83
CA GLY A 30 27.58 0.75 10.31
C GLY A 30 26.99 -0.60 10.72
N SER A 31 25.70 -0.62 11.08
CA SER A 31 25.05 -1.87 11.43
C SER A 31 24.19 -2.33 10.26
N MET A 32 23.01 -1.76 10.12
CA MET A 32 22.09 -2.12 9.05
C MET A 32 22.40 -1.28 7.82
N THR A 33 22.10 -1.85 6.65
CA THR A 33 22.03 -1.09 5.41
C THR A 33 20.62 -1.21 4.85
N LEU A 34 20.01 -0.07 4.55
CA LEU A 34 18.69 -0.09 3.95
C LEU A 34 18.57 1.08 2.96
N ASN A 35 17.36 1.34 2.51
CA ASN A 35 17.12 2.30 1.45
C ASN A 35 16.55 3.60 2.00
N GLY A 36 16.91 4.71 1.35
CA GLY A 36 16.32 6.01 1.65
C GLY A 36 15.70 6.67 0.43
N LEU A 37 14.84 7.66 0.64
CA LEU A 37 14.15 8.37 -0.44
C LEU A 37 14.62 9.82 -0.46
N TRP A 38 15.36 10.18 -1.51
CA TRP A 38 16.03 11.46 -1.65
C TRP A 38 15.16 12.39 -2.48
N LEU A 39 14.67 13.47 -1.85
CA LEU A 39 13.85 14.48 -2.48
C LEU A 39 14.38 15.84 -2.05
N ASP A 40 14.60 16.75 -3.00
CA ASP A 40 15.20 18.05 -2.70
C ASP A 40 16.44 17.77 -1.84
N ASN A 41 16.64 18.47 -0.73
CA ASN A 41 17.81 18.29 0.14
C ASN A 41 17.56 17.32 1.30
N THR A 42 16.56 16.45 1.19
CA THR A 42 16.14 15.59 2.29
C THR A 42 16.26 14.12 1.89
N VAL A 43 16.71 13.27 2.82
CA VAL A 43 16.69 11.83 2.65
C VAL A 43 15.89 11.23 3.79
N TRP A 44 14.82 10.52 3.43
CA TRP A 44 13.97 9.81 4.39
C TRP A 44 14.40 8.35 4.45
N CYS A 45 14.40 7.77 5.64
CA CYS A 45 14.69 6.35 5.78
C CYS A 45 14.16 5.86 7.12
N PRO A 46 13.94 4.55 7.26
CA PRO A 46 13.48 4.00 8.55
C PRO A 46 14.50 4.30 9.64
N ARG A 47 14.00 4.53 10.85
CA ARG A 47 14.88 4.88 11.95
C ARG A 47 15.64 3.69 12.51
N HIS A 48 15.23 2.46 12.25
CA HIS A 48 16.00 1.34 12.77
C HIS A 48 17.29 1.09 11.98
N VAL A 49 17.65 1.98 11.05
CA VAL A 49 19.01 1.98 10.53
C VAL A 49 20.00 2.28 11.65
N MET A 50 19.55 2.98 12.70
CA MET A 50 20.42 3.32 13.82
C MET A 50 20.64 2.16 14.77
N CYS A 51 19.91 1.08 14.63
CA CYS A 51 19.97 0.03 15.63
CA CYS A 51 19.95 -0.01 15.61
C CYS A 51 21.14 -0.93 15.35
N PRO A 52 21.89 -1.32 16.39
CA PRO A 52 22.74 -2.50 16.25
C PRO A 52 21.86 -3.74 16.32
N ALA A 53 22.28 -4.79 15.61
CA ALA A 53 21.39 -5.94 15.49
C ALA A 53 21.13 -6.65 16.81
N ASP A 54 21.87 -6.35 17.88
CA ASP A 54 21.57 -6.88 19.20
C ASP A 54 20.45 -6.12 19.91
N GLN A 55 19.85 -5.10 19.28
CA GLN A 55 18.86 -4.27 19.94
C GLN A 55 17.62 -4.01 19.07
N LEU A 56 17.37 -4.85 18.06
CA LEU A 56 16.19 -4.65 17.21
C LEU A 56 14.88 -4.96 17.93
N SER A 57 14.92 -5.66 19.07
CA SER A 57 13.70 -6.05 19.76
CA SER A 57 13.72 -6.05 19.78
C SER A 57 13.17 -4.94 20.68
N ASP A 58 14.05 -4.17 21.31
CA ASP A 58 13.57 -3.11 22.19
C ASP A 58 14.51 -1.90 22.14
N PRO A 59 14.66 -1.27 20.98
CA PRO A 59 15.57 -0.13 20.89
C PRO A 59 15.07 1.05 21.71
N ASN A 60 16.01 1.87 22.17
CA ASN A 60 15.67 3.21 22.64
C ASN A 60 16.08 4.18 21.53
N TYR A 61 15.11 4.56 20.70
CA TYR A 61 15.43 5.37 19.53
C TYR A 61 15.83 6.78 19.91
N ASP A 62 15.20 7.35 20.95
CA ASP A 62 15.62 8.68 21.39
C ASP A 62 17.09 8.71 21.77
N ALA A 63 17.54 7.69 22.49
CA ALA A 63 18.95 7.63 22.89
C ALA A 63 19.87 7.31 21.72
N LEU A 64 19.47 6.40 20.83
CA LEU A 64 20.27 6.13 19.64
C LEU A 64 20.45 7.39 18.80
N LEU A 65 19.40 8.20 18.69
CA LEU A 65 19.45 9.41 17.86
C LEU A 65 20.42 10.43 18.46
N ILE A 66 20.32 10.65 19.76
CA ILE A 66 21.24 11.58 20.42
C ILE A 66 22.67 11.12 20.21
N SER A 67 22.90 9.81 20.19
CA SER A 67 24.24 9.25 20.04
C SER A 67 24.81 9.42 18.64
N MET A 68 23.98 9.73 17.65
CA MET A 68 24.42 9.95 16.29
C MET A 68 24.82 11.40 16.07
N THR A 69 25.75 11.61 15.14
CA THR A 69 26.02 12.91 14.56
C THR A 69 25.84 12.80 13.05
N ASN A 70 26.12 13.89 12.34
CA ASN A 70 25.85 13.92 10.91
C ASN A 70 26.68 12.87 10.16
N HIS A 71 27.97 12.78 10.47
CA HIS A 71 28.81 11.81 9.75
C HIS A 71 28.62 10.38 10.24
N SER A 72 27.71 10.13 11.20
CA SER A 72 27.30 8.77 11.54
C SER A 72 26.53 8.11 10.41
N PHE A 73 25.95 8.91 9.52
CA PHE A 73 25.08 8.43 8.46
C PHE A 73 25.84 8.48 7.15
N SER A 74 25.89 7.36 6.45
CA SER A 74 26.51 7.29 5.14
C SER A 74 25.41 7.08 4.11
N VAL A 75 25.30 8.00 3.15
CA VAL A 75 24.27 8.01 2.13
C VAL A 75 24.96 7.94 0.78
N GLN A 76 24.61 6.92 -0.03
CA GLN A 76 25.23 6.69 -1.32
C GLN A 76 24.17 6.44 -2.38
N LYS A 77 24.42 6.91 -3.60
CA LYS A 77 23.60 6.60 -4.75
C LYS A 77 24.36 5.65 -5.67
N HIS A 78 23.61 4.84 -6.42
CA HIS A 78 24.21 3.88 -7.37
C HIS A 78 23.66 3.98 -8.79
N ALA A 83 27.48 7.85 -6.16
CA ALA A 83 27.70 9.12 -5.46
C ALA A 83 27.81 8.91 -3.96
N ASN A 84 28.19 9.97 -3.28
CA ASN A 84 28.11 10.08 -1.83
C ASN A 84 27.45 11.41 -1.53
N LEU A 85 26.43 11.39 -0.70
CA LEU A 85 25.69 12.59 -0.30
C LEU A 85 26.06 12.91 1.15
N ARG A 86 26.76 14.03 1.33
CA ARG A 86 27.17 14.42 2.68
C ARG A 86 25.98 14.82 3.50
N VAL A 87 25.81 14.20 4.66
CA VAL A 87 24.75 14.55 5.59
C VAL A 87 25.15 15.78 6.39
N VAL A 88 24.28 16.79 6.39
CA VAL A 88 24.53 18.06 7.07
C VAL A 88 23.48 18.37 8.11
N GLY A 89 22.53 17.47 8.34
CA GLY A 89 21.48 17.66 9.33
C GLY A 89 20.76 16.35 9.56
N HIS A 90 20.25 16.10 10.76
CA HIS A 90 19.54 14.84 11.01
C HIS A 90 18.46 15.08 12.04
N ALA A 91 17.35 14.37 11.89
CA ALA A 91 16.21 14.49 12.79
C ALA A 91 15.33 13.27 12.64
N MET A 92 14.50 13.04 13.65
CA MET A 92 13.62 11.89 13.73
C MET A 92 12.18 12.36 13.80
N GLN A 93 11.34 11.85 12.89
CA GLN A 93 9.90 12.07 12.90
C GLN A 93 9.19 10.72 13.04
N GLY A 94 8.68 10.42 14.23
CA GLY A 94 8.04 9.15 14.46
C GLY A 94 9.02 8.03 14.19
N THR A 95 8.69 7.17 13.23
CA THR A 95 9.50 5.99 12.91
C THR A 95 10.38 6.19 11.69
N LEU A 96 10.54 7.44 11.26
CA LEU A 96 11.42 7.79 10.16
C LEU A 96 12.48 8.78 10.60
N LEU A 97 13.62 8.72 9.93
CA LEU A 97 14.63 9.75 9.99
C LEU A 97 14.51 10.69 8.80
N LYS A 98 14.78 11.97 9.07
CA LYS A 98 14.82 13.03 8.07
C LYS A 98 16.26 13.54 8.05
N LEU A 99 17.05 13.00 7.11
CA LEU A 99 18.42 13.42 6.90
C LEU A 99 18.47 14.58 5.91
N THR A 100 19.30 15.57 6.19
CA THR A 100 19.49 16.70 5.30
C THR A 100 20.86 16.56 4.65
N VAL A 101 20.90 16.65 3.32
CA VAL A 101 22.13 16.41 2.59
C VAL A 101 22.53 17.67 1.83
N ASP A 102 23.80 17.73 1.45
CA ASP A 102 24.35 18.93 0.85
C ASP A 102 23.86 19.16 -0.57
N VAL A 103 23.35 18.13 -1.22
CA VAL A 103 23.02 18.17 -2.65
C VAL A 103 21.52 17.95 -2.80
N ALA A 104 20.86 18.82 -3.54
CA ALA A 104 19.47 18.62 -3.93
C ALA A 104 19.36 17.61 -5.07
N ASN A 105 18.47 16.64 -4.92
CA ASN A 105 18.26 15.66 -5.99
C ASN A 105 17.86 16.39 -7.27
N PRO A 106 18.65 16.30 -8.34
CA PRO A 106 18.30 17.06 -9.55
C PRO A 106 17.10 16.47 -10.30
N SER A 107 16.65 15.28 -9.92
CA SER A 107 15.50 14.64 -10.56
C SER A 107 14.33 14.50 -9.59
N THR A 108 14.19 15.44 -8.65
CA THR A 108 13.08 15.38 -7.73
C THR A 108 11.80 15.55 -8.52
N PRO A 109 10.86 14.60 -8.48
CA PRO A 109 9.57 14.79 -9.11
C PRO A 109 8.69 15.71 -8.29
N ALA A 110 7.66 16.26 -8.94
CA ALA A 110 6.59 16.87 -8.18
C ALA A 110 6.00 15.81 -7.28
N TYR A 111 5.83 16.13 -6.00
CA TYR A 111 5.37 15.09 -5.07
C TYR A 111 4.59 15.71 -3.92
N THR A 112 3.78 14.85 -3.30
CA THR A 112 3.15 15.10 -2.01
C THR A 112 3.39 13.88 -1.15
N PHE A 113 3.16 14.03 0.14
CA PHE A 113 3.01 12.91 1.06
C PHE A 113 1.55 12.81 1.43
N THR A 114 1.00 11.60 1.33
CA THR A 114 -0.38 11.35 1.71
C THR A 114 -0.50 9.97 2.34
N THR A 115 -1.53 9.79 3.17
CA THR A 115 -1.78 8.51 3.80
C THR A 115 -2.82 7.73 2.99
N VAL A 116 -2.56 6.46 2.78
CA VAL A 116 -3.44 5.60 2.00
C VAL A 116 -4.40 4.93 2.95
N LYS A 117 -5.61 4.67 2.47
CA LYS A 117 -6.69 4.13 3.28
C LYS A 117 -6.95 2.67 2.97
N PRO A 118 -7.52 1.92 3.91
CA PRO A 118 -7.79 0.51 3.63
C PRO A 118 -8.59 0.38 2.34
N GLY A 119 -8.22 -0.61 1.54
CA GLY A 119 -8.85 -0.85 0.27
C GLY A 119 -8.21 -0.17 -0.91
N ALA A 120 -7.39 0.86 -0.68
CA ALA A 120 -6.77 1.59 -1.78
C ALA A 120 -5.50 0.91 -2.24
N ALA A 121 -5.27 0.98 -3.54
CA ALA A 121 -4.11 0.37 -4.18
C ALA A 121 -2.98 1.38 -4.28
N PHE A 122 -1.74 0.90 -4.15
CA PHE A 122 -0.61 1.75 -4.45
C PHE A 122 0.50 0.89 -5.04
N SER A 123 1.45 1.57 -5.64
CA SER A 123 2.58 0.95 -6.31
C SER A 123 3.78 0.97 -5.36
N VAL A 124 4.56 -0.11 -5.37
CA VAL A 124 5.72 -0.25 -4.50
C VAL A 124 6.94 -0.48 -5.38
N LEU A 125 8.00 0.23 -5.09
CA LEU A 125 9.31 -0.01 -5.68
C LEU A 125 10.19 -0.71 -4.65
N ALA A 126 10.47 -2.00 -4.89
CA ALA A 126 11.28 -2.80 -3.99
C ALA A 126 12.75 -2.58 -4.32
N CYS A 127 13.54 -2.27 -3.29
CA CYS A 127 14.94 -1.90 -3.44
C CYS A 127 15.80 -2.61 -2.40
N TYR A 128 17.03 -2.94 -2.80
CA TYR A 128 18.06 -3.51 -1.93
C TYR A 128 19.37 -2.76 -2.17
N ASN A 129 20.02 -2.33 -1.09
CA ASN A 129 21.27 -1.56 -1.20
C ASN A 129 21.08 -0.33 -2.08
N GLY A 130 19.91 0.28 -2.02
CA GLY A 130 19.64 1.44 -2.84
C GLY A 130 19.43 1.13 -4.31
N ARG A 131 19.41 -0.13 -4.70
CA ARG A 131 19.22 -0.52 -6.10
C ARG A 131 17.81 -1.01 -6.30
N PRO A 132 16.98 -0.33 -7.10
CA PRO A 132 15.62 -0.85 -7.36
C PRO A 132 15.68 -2.19 -8.07
N THR A 133 14.87 -3.14 -7.58
CA THR A 133 14.92 -4.50 -8.11
C THR A 133 13.58 -5.01 -8.61
N GLY A 134 12.46 -4.42 -8.21
CA GLY A 134 11.19 -4.85 -8.73
C GLY A 134 10.09 -3.89 -8.35
N THR A 135 9.00 -3.93 -9.12
CA THR A 135 7.83 -3.14 -8.79
C THR A 135 6.60 -4.02 -8.80
N PHE A 136 5.66 -3.67 -7.93
CA PHE A 136 4.40 -4.38 -7.79
C PHE A 136 3.40 -3.45 -7.14
N THR A 137 2.14 -3.88 -7.09
CA THR A 137 1.05 -3.08 -6.55
C THR A 137 0.29 -3.92 -5.52
N VAL A 138 -0.20 -3.24 -4.48
CA VAL A 138 -0.87 -3.89 -3.35
C VAL A 138 -2.03 -2.99 -2.94
N VAL A 139 -2.97 -3.56 -2.18
CA VAL A 139 -4.02 -2.79 -1.52
C VAL A 139 -3.74 -2.83 -0.02
N MET A 140 -3.95 -1.70 0.63
CA MET A 140 -3.85 -1.64 2.08
C MET A 140 -4.99 -2.47 2.67
N ARG A 141 -4.65 -3.51 3.43
CA ARG A 141 -5.68 -4.34 4.01
C ARG A 141 -6.39 -3.60 5.14
N PRO A 142 -7.63 -3.99 5.46
CA PRO A 142 -8.34 -3.39 6.61
C PRO A 142 -7.58 -3.48 7.93
N ASN A 143 -6.61 -4.39 8.08
CA ASN A 143 -5.81 -4.47 9.30
C ASN A 143 -4.44 -3.82 9.14
N TYR A 144 -4.29 -2.96 8.13
CA TYR A 144 -3.11 -2.13 7.92
C TYR A 144 -1.83 -2.93 7.70
N THR A 145 -1.96 -4.07 7.04
CA THR A 145 -0.85 -4.77 6.45
C THR A 145 -1.00 -4.72 4.93
N ILE A 146 0.05 -5.15 4.23
CA ILE A 146 -0.06 -5.41 2.80
C ILE A 146 0.54 -6.78 2.54
N LYS A 147 0.07 -7.40 1.46
CA LYS A 147 0.56 -8.71 1.02
C LYS A 147 1.64 -8.46 -0.03
N GLY A 148 2.83 -8.13 0.48
CA GLY A 148 3.94 -7.72 -0.36
C GLY A 148 4.93 -8.83 -0.62
N SER A 149 6.08 -8.43 -1.16
CA SER A 149 7.21 -9.32 -1.40
C SER A 149 8.45 -8.54 -0.98
N PHE A 150 8.94 -8.84 0.22
CA PHE A 150 10.00 -8.06 0.85
C PHE A 150 10.92 -9.02 1.58
N LEU A 151 12.24 -8.87 1.38
CA LEU A 151 13.22 -9.70 2.06
C LEU A 151 14.14 -8.83 2.93
N CYS A 152 15.15 -9.44 3.55
CA CYS A 152 16.09 -8.64 4.33
C CYS A 152 16.77 -7.59 3.45
N GLY A 153 16.78 -6.35 3.92
CA GLY A 153 17.41 -5.23 3.22
C GLY A 153 16.47 -4.41 2.38
N SER A 154 15.18 -4.75 2.36
CA SER A 154 14.18 -4.05 1.59
C SER A 154 13.62 -2.84 2.33
N CYS A 155 13.92 -2.70 3.62
CA CYS A 155 13.36 -1.57 4.35
C CYS A 155 13.81 -0.27 3.71
N GLY A 156 12.93 0.70 3.75
CA GLY A 156 13.14 1.94 3.05
C GLY A 156 12.54 1.97 1.65
N SER A 157 12.18 0.81 1.11
CA SER A 157 11.41 0.75 -0.14
C SER A 157 10.11 1.54 0.01
N VAL A 158 9.65 2.18 -1.08
CA VAL A 158 8.58 3.15 -0.94
C VAL A 158 7.37 2.76 -1.80
N GLY A 159 6.19 3.11 -1.28
CA GLY A 159 4.94 2.97 -1.97
C GLY A 159 4.36 4.34 -2.29
N TYR A 160 3.61 4.42 -3.39
CA TYR A 160 3.20 5.71 -3.90
C TYR A 160 2.08 5.52 -4.90
N THR A 161 1.26 6.55 -5.02
CA THR A 161 0.28 6.70 -6.09
C THR A 161 0.68 7.91 -6.91
N LYS A 162 0.04 8.05 -8.06
CA LYS A 162 0.39 9.11 -9.01
C LYS A 162 -0.92 9.73 -9.49
N GLU A 163 -1.09 11.02 -9.23
CA GLU A 163 -2.21 11.80 -9.76
C GLU A 163 -1.62 12.81 -10.75
N GLY A 164 -1.92 12.61 -12.03
CA GLY A 164 -1.28 13.43 -13.05
C GLY A 164 0.21 13.20 -13.04
N SER A 165 0.98 14.28 -13.00
CA SER A 165 2.43 14.19 -12.93
C SER A 165 2.95 14.13 -11.49
N VAL A 166 2.07 14.21 -10.49
CA VAL A 166 2.49 14.35 -9.09
C VAL A 166 2.52 12.98 -8.42
N ILE A 167 3.65 12.68 -7.76
CA ILE A 167 3.81 11.43 -7.06
C ILE A 167 3.38 11.63 -5.61
N ASN A 168 2.42 10.84 -5.15
CA ASN A 168 1.88 10.93 -3.80
C ASN A 168 2.49 9.77 -3.01
N PHE A 169 3.58 10.06 -2.31
CA PHE A 169 4.25 9.02 -1.52
C PHE A 169 3.41 8.68 -0.30
N CYS A 170 3.15 7.37 -0.10
CA CYS A 170 2.27 6.95 0.99
C CYS A 170 2.83 5.87 1.90
N TYR A 171 4.00 5.29 1.61
CA TYR A 171 4.46 4.10 2.34
C TYR A 171 5.98 4.02 2.33
N MET A 172 6.57 3.79 3.51
CA MET A 172 7.96 3.41 3.59
C MET A 172 8.04 2.10 4.36
N HIS A 173 8.67 1.10 3.76
CA HIS A 173 8.60 -0.25 4.29
C HIS A 173 9.45 -0.38 5.57
N GLN A 174 8.91 -1.12 6.55
CA GLN A 174 9.55 -1.28 7.87
C GLN A 174 9.71 -2.73 8.30
N MET A 175 8.75 -3.61 8.06
CA MET A 175 8.85 -4.92 8.71
C MET A 175 7.86 -5.92 8.16
N GLU A 176 8.12 -7.19 8.51
CA GLU A 176 7.26 -8.32 8.19
C GLU A 176 6.67 -8.86 9.48
N LEU A 177 5.43 -9.33 9.40
CA LEU A 177 4.72 -9.89 10.55
C LEU A 177 4.81 -11.41 10.54
N ALA A 178 4.34 -12.02 11.62
CA ALA A 178 4.46 -13.47 11.78
C ALA A 178 3.76 -14.21 10.66
N ASN A 179 2.69 -13.64 10.11
CA ASN A 179 1.86 -14.31 9.12
C ASN A 179 2.30 -14.03 7.70
N GLY A 180 3.46 -13.41 7.50
CA GLY A 180 4.00 -13.21 6.17
C GLY A 180 3.62 -11.91 5.50
N THR A 181 2.66 -11.17 6.06
CA THR A 181 2.29 -9.87 5.50
C THR A 181 3.26 -8.79 6.02
N HIS A 182 3.07 -7.57 5.53
CA HIS A 182 4.03 -6.49 5.71
C HIS A 182 3.35 -5.21 6.17
N THR A 183 4.13 -4.33 6.80
CA THR A 183 3.65 -2.99 7.07
C THR A 183 4.84 -2.03 7.16
N GLY A 184 4.52 -0.76 7.34
CA GLY A 184 5.49 0.30 7.21
C GLY A 184 4.92 1.62 7.68
N SER A 185 5.59 2.70 7.31
CA SER A 185 5.25 4.04 7.80
C SER A 185 4.58 4.86 6.70
N ALA A 186 3.74 5.81 7.12
CA ALA A 186 3.49 6.99 6.32
C ALA A 186 4.63 7.99 6.51
N PHE A 187 4.71 8.97 5.61
CA PHE A 187 5.80 9.94 5.70
C PHE A 187 5.55 11.04 6.72
N ASP A 188 4.42 11.01 7.45
CA ASP A 188 4.33 11.73 8.71
C ASP A 188 5.00 10.96 9.86
N GLY A 189 5.58 9.79 9.59
CA GLY A 189 6.30 9.04 10.60
C GLY A 189 5.47 8.03 11.38
N THR A 190 4.15 8.07 11.27
CA THR A 190 3.32 7.07 11.91
C THR A 190 3.48 5.74 11.19
N MET A 191 3.32 4.66 11.94
CA MET A 191 3.09 3.37 11.32
C MET A 191 1.61 3.24 11.02
N TYR A 192 1.30 2.48 9.96
CA TYR A 192 -0.09 2.15 9.68
C TYR A 192 -0.63 1.23 10.77
N GLY A 193 -1.90 1.42 11.11
CA GLY A 193 -2.52 0.63 12.15
C GLY A 193 -1.83 0.83 13.49
N ALA A 194 -1.90 -0.20 14.31
CA ALA A 194 -1.41 -0.15 15.69
C ALA A 194 0.01 -0.65 15.83
N PHE A 195 0.74 -0.75 14.72
CA PHE A 195 2.02 -1.46 14.69
C PHE A 195 3.15 -0.59 15.22
N MET A 196 4.19 -1.26 15.71
CA MET A 196 5.39 -0.63 16.24
C MET A 196 6.61 -1.17 15.49
N ASP A 197 7.59 -0.30 15.26
CA ASP A 197 8.81 -0.70 14.56
C ASP A 197 9.82 -1.32 15.55
N LYS A 198 9.39 -2.45 16.12
CA LYS A 198 10.17 -3.20 17.09
C LYS A 198 10.02 -4.67 16.75
N GLN A 199 11.14 -5.40 16.72
CA GLN A 199 11.14 -6.80 16.27
C GLN A 199 10.72 -7.71 17.41
N VAL A 200 9.42 -7.66 17.68
CA VAL A 200 8.77 -8.41 18.75
C VAL A 200 7.42 -8.88 18.23
N HIS A 201 6.87 -9.90 18.89
CA HIS A 201 5.50 -10.28 18.58
C HIS A 201 4.55 -9.12 18.84
N GLN A 202 3.59 -8.95 17.93
CA GLN A 202 2.62 -7.89 18.03
C GLN A 202 1.24 -8.43 17.68
N VAL A 203 0.23 -7.97 18.42
CA VAL A 203 -1.15 -8.27 18.09
C VAL A 203 -1.40 -7.91 16.63
N GLN A 204 -2.19 -8.76 15.95
CA GLN A 204 -2.59 -8.49 14.58
C GLN A 204 -4.12 -8.41 14.50
N LEU A 205 -4.63 -7.32 13.95
CA LEU A 205 -6.06 -7.17 13.78
C LEU A 205 -6.56 -8.12 12.72
N THR A 206 -7.82 -8.52 12.84
CA THR A 206 -8.42 -9.37 11.82
C THR A 206 -8.46 -8.61 10.49
N ASP A 207 -8.11 -9.32 9.42
CA ASP A 207 -8.31 -8.82 8.06
C ASP A 207 -9.76 -9.07 7.65
N LYS A 208 -10.23 -8.27 6.69
CA LYS A 208 -11.61 -8.36 6.21
C LYS A 208 -11.61 -8.20 4.70
N TYR A 209 -12.68 -8.73 4.08
CA TYR A 209 -12.97 -8.41 2.68
C TYR A 209 -13.25 -6.93 2.53
N CYS A 210 -12.69 -6.33 1.48
CA CYS A 210 -12.97 -4.93 1.17
CA CYS A 210 -12.96 -4.92 1.16
C CYS A 210 -14.19 -4.89 0.26
N SER A 211 -15.34 -4.54 0.83
CA SER A 211 -16.60 -4.70 0.14
CA SER A 211 -16.60 -4.70 0.14
C SER A 211 -16.66 -3.84 -1.13
N VAL A 212 -16.11 -2.63 -1.08
CA VAL A 212 -16.14 -1.76 -2.26
C VAL A 212 -15.39 -2.41 -3.42
N ASN A 213 -14.26 -3.08 -3.12
CA ASN A 213 -13.46 -3.68 -4.18
C ASN A 213 -14.09 -4.96 -4.72
N VAL A 214 -14.85 -5.70 -3.89
CA VAL A 214 -15.60 -6.84 -4.42
C VAL A 214 -16.65 -6.35 -5.40
N VAL A 215 -17.39 -5.31 -5.03
CA VAL A 215 -18.37 -4.71 -5.92
C VAL A 215 -17.71 -4.31 -7.24
N ALA A 216 -16.55 -3.67 -7.15
CA ALA A 216 -15.82 -3.29 -8.36
C ALA A 216 -15.57 -4.52 -9.24
N TRP A 217 -15.14 -5.61 -8.63
CA TRP A 217 -14.83 -6.84 -9.34
C TRP A 217 -16.08 -7.45 -9.97
N LEU A 218 -17.20 -7.44 -9.26
CA LEU A 218 -18.44 -7.94 -9.85
C LEU A 218 -18.88 -7.07 -11.02
N TYR A 219 -18.64 -5.76 -10.95
CA TYR A 219 -18.89 -4.91 -12.12
C TYR A 219 -17.98 -5.30 -13.28
N ALA A 220 -16.71 -5.53 -13.00
CA ALA A 220 -15.77 -5.95 -14.03
C ALA A 220 -16.23 -7.24 -14.71
N ALA A 221 -16.86 -8.13 -13.95
CA ALA A 221 -17.38 -9.34 -14.54
C ALA A 221 -18.52 -9.03 -15.51
N ILE A 222 -19.43 -8.12 -15.12
CA ILE A 222 -20.54 -7.73 -16.00
C ILE A 222 -20.00 -7.09 -17.27
N LEU A 223 -19.05 -6.17 -17.13
CA LEU A 223 -18.42 -5.52 -18.27
C LEU A 223 -17.73 -6.52 -19.20
N ASN A 224 -17.52 -7.76 -18.76
CA ASN A 224 -16.94 -8.83 -19.58
C ASN A 224 -17.97 -9.90 -19.92
N GLY A 225 -19.26 -9.60 -19.80
CA GLY A 225 -20.30 -10.53 -20.22
C GLY A 225 -20.69 -11.59 -19.19
N CYS A 226 -20.20 -11.47 -17.95
CA CYS A 226 -20.42 -12.48 -16.90
C CYS A 226 -21.36 -11.89 -15.86
N ALA A 227 -22.59 -12.42 -15.79
CA ALA A 227 -23.57 -11.81 -14.89
C ALA A 227 -24.62 -12.78 -14.34
N TRP A 228 -24.34 -14.09 -14.31
CA TRP A 228 -25.31 -15.05 -13.76
C TRP A 228 -25.71 -14.70 -12.34
N PHE A 229 -24.82 -14.04 -11.60
CA PHE A 229 -25.03 -13.74 -10.19
C PHE A 229 -25.95 -12.55 -9.96
N VAL A 230 -26.21 -11.78 -11.01
CA VAL A 230 -27.06 -10.60 -10.91
C VAL A 230 -28.52 -11.04 -10.92
N LYS A 231 -29.23 -10.71 -9.84
CA LYS A 231 -30.66 -10.94 -9.75
C LYS A 231 -31.36 -9.62 -9.47
N PRO A 232 -32.67 -9.54 -9.71
CA PRO A 232 -33.37 -8.30 -9.38
C PRO A 232 -33.34 -7.96 -7.89
N ASN A 233 -33.06 -8.94 -7.04
CA ASN A 233 -33.01 -8.71 -5.60
C ASN A 233 -31.97 -7.66 -5.25
N ARG A 234 -32.27 -6.87 -4.21
CA ARG A 234 -31.41 -5.79 -3.76
C ARG A 234 -31.27 -5.85 -2.26
N THR A 235 -30.08 -5.52 -1.79
CA THR A 235 -29.80 -5.26 -0.38
C THR A 235 -29.40 -3.80 -0.28
N SER A 236 -30.07 -3.06 0.59
CA SER A 236 -29.70 -1.66 0.75
C SER A 236 -28.31 -1.56 1.37
N VAL A 237 -27.70 -0.38 1.23
CA VAL A 237 -26.39 -0.15 1.82
C VAL A 237 -26.46 -0.33 3.33
N VAL A 238 -27.49 0.24 3.97
CA VAL A 238 -27.59 0.16 5.44
C VAL A 238 -27.70 -1.29 5.88
N SER A 239 -28.58 -2.05 5.21
CA SER A 239 -28.74 -3.47 5.56
C SER A 239 -27.45 -4.25 5.31
N PHE A 240 -26.81 -4.02 4.16
CA PHE A 240 -25.55 -4.69 3.89
C PHE A 240 -24.52 -4.39 4.96
N ASN A 241 -24.47 -3.15 5.41
CA ASN A 241 -23.43 -2.80 6.36
C ASN A 241 -23.68 -3.44 7.73
N GLU A 242 -24.95 -3.58 8.12
CA GLU A 242 -25.24 -4.36 9.33
C GLU A 242 -24.81 -5.82 9.14
N TRP A 243 -25.10 -6.40 7.97
CA TRP A 243 -24.64 -7.75 7.67
C TRP A 243 -23.12 -7.82 7.71
N ALA A 244 -22.46 -6.89 7.01
CA ALA A 244 -21.01 -6.79 6.98
C ALA A 244 -20.36 -6.99 8.34
N LEU A 245 -20.95 -6.38 9.38
CA LEU A 245 -20.29 -6.36 10.68
C LEU A 245 -20.16 -7.75 11.28
N ALA A 246 -21.05 -8.68 10.92
CA ALA A 246 -21.01 -10.03 11.48
C ALA A 246 -20.31 -11.03 10.56
N ASN A 247 -19.72 -10.57 9.45
CA ASN A 247 -19.20 -11.49 8.44
C ASN A 247 -17.78 -11.14 8.00
N GLN A 248 -17.09 -10.25 8.73
CA GLN A 248 -15.72 -9.87 8.39
C GLN A 248 -15.64 -9.29 6.97
N PHE A 249 -16.61 -8.45 6.63
CA PHE A 249 -16.56 -7.57 5.47
C PHE A 249 -16.44 -6.12 5.96
N THR A 250 -15.71 -5.30 5.22
CA THR A 250 -15.75 -3.87 5.49
C THR A 250 -17.15 -3.33 5.22
N GLU A 251 -17.50 -2.24 5.89
CA GLU A 251 -18.73 -1.54 5.55
C GLU A 251 -18.55 -0.80 4.22
N PHE A 252 -19.58 -0.86 3.38
CA PHE A 252 -19.54 -0.28 2.04
C PHE A 252 -19.82 1.22 2.06
N VAL A 253 -19.00 1.97 1.33
CA VAL A 253 -19.18 3.42 1.14
C VAL A 253 -19.01 3.70 -0.34
N GLY A 254 -20.11 4.06 -1.02
CA GLY A 254 -20.05 4.26 -2.44
C GLY A 254 -19.27 5.51 -2.82
N THR A 255 -18.77 5.51 -4.06
CA THR A 255 -17.99 6.63 -4.61
C THR A 255 -18.48 6.93 -6.01
N GLN A 256 -18.04 8.07 -6.55
CA GLN A 256 -18.36 8.40 -7.94
C GLN A 256 -17.80 7.35 -8.88
N SER A 257 -16.62 6.81 -8.56
CA SER A 257 -16.02 5.76 -9.39
CA SER A 257 -16.03 5.77 -9.39
C SER A 257 -16.94 4.55 -9.49
N VAL A 258 -17.53 4.15 -8.36
CA VAL A 258 -18.47 3.04 -8.38
C VAL A 258 -19.74 3.41 -9.12
N ASP A 259 -20.24 4.64 -8.93
CA ASP A 259 -21.47 5.05 -9.60
C ASP A 259 -21.31 4.95 -11.13
N MET A 260 -20.19 5.44 -11.65
CA MET A 260 -19.92 5.31 -13.10
C MET A 260 -20.04 3.85 -13.55
N LEU A 261 -19.60 2.91 -12.71
CA LEU A 261 -19.70 1.51 -13.09
C LEU A 261 -21.15 1.06 -13.12
N ALA A 262 -21.97 1.55 -12.20
CA ALA A 262 -23.40 1.29 -12.22
C ALA A 262 -24.06 1.87 -13.47
N VAL A 263 -23.63 3.06 -13.88
CA VAL A 263 -24.19 3.69 -15.08
C VAL A 263 -23.85 2.87 -16.32
N LYS A 264 -22.59 2.46 -16.45
CA LYS A 264 -22.17 1.78 -17.67
C LYS A 264 -22.87 0.43 -17.80
N THR A 265 -23.02 -0.30 -16.71
CA THR A 265 -23.58 -1.65 -16.80
C THR A 265 -25.10 -1.68 -16.67
N GLY A 266 -25.71 -0.62 -16.15
CA GLY A 266 -27.12 -0.67 -15.82
C GLY A 266 -27.48 -1.55 -14.63
N VAL A 267 -26.50 -1.90 -13.79
CA VAL A 267 -26.73 -2.75 -12.62
C VAL A 267 -26.48 -1.90 -11.38
N ALA A 268 -27.45 -1.88 -10.48
CA ALA A 268 -27.35 -1.02 -9.30
C ALA A 268 -26.47 -1.65 -8.22
N ILE A 269 -25.83 -0.79 -7.43
CA ILE A 269 -24.97 -1.24 -6.35
C ILE A 269 -25.70 -2.24 -5.47
N GLU A 270 -26.96 -1.95 -5.15
CA GLU A 270 -27.69 -2.79 -4.21
C GLU A 270 -27.91 -4.19 -4.74
N GLN A 271 -28.00 -4.36 -6.07
CA GLN A 271 -28.09 -5.70 -6.63
C GLN A 271 -26.83 -6.49 -6.34
N LEU A 272 -25.68 -5.83 -6.45
CA LEU A 272 -24.42 -6.49 -6.20
C LEU A 272 -24.15 -6.68 -4.70
N LEU A 273 -24.65 -5.79 -3.85
CA LEU A 273 -24.57 -6.05 -2.41
C LEU A 273 -25.33 -7.31 -2.05
N TYR A 274 -26.53 -7.49 -2.62
CA TYR A 274 -27.27 -8.73 -2.44
C TYR A 274 -26.49 -9.93 -2.99
N ALA A 275 -25.82 -9.74 -4.12
CA ALA A 275 -25.08 -10.84 -4.73
C ALA A 275 -23.90 -11.28 -3.86
N ILE A 276 -23.21 -10.33 -3.23
CA ILE A 276 -22.11 -10.68 -2.33
C ILE A 276 -22.62 -11.54 -1.19
N GLN A 277 -23.75 -11.15 -0.60
CA GLN A 277 -24.32 -11.92 0.51
C GLN A 277 -24.58 -13.36 0.08
N GLN A 278 -25.11 -13.57 -1.13
CA GLN A 278 -25.38 -14.92 -1.60
C GLN A 278 -24.10 -15.62 -2.01
N LEU A 279 -23.20 -14.91 -2.69
CA LEU A 279 -21.93 -15.51 -3.11
C LEU A 279 -21.03 -15.82 -1.92
N TYR A 280 -21.10 -15.04 -0.85
CA TYR A 280 -20.27 -15.31 0.33
C TYR A 280 -20.51 -16.71 0.84
N THR A 281 -21.78 -17.14 0.88
CA THR A 281 -22.15 -18.45 1.36
C THR A 281 -21.86 -19.56 0.35
N GLY A 282 -21.50 -19.21 -0.88
CA GLY A 282 -21.10 -20.19 -1.87
C GLY A 282 -21.38 -19.80 -3.32
N PHE A 283 -20.43 -20.10 -4.21
CA PHE A 283 -20.58 -19.89 -5.63
C PHE A 283 -21.38 -20.97 -6.32
N GLN A 284 -21.89 -21.96 -5.58
CA GLN A 284 -22.69 -23.04 -6.17
C GLN A 284 -21.95 -23.72 -7.32
N GLY A 285 -20.62 -23.80 -7.21
CA GLY A 285 -19.82 -24.45 -8.23
C GLY A 285 -19.55 -23.63 -9.48
N LYS A 286 -20.06 -22.40 -9.57
CA LYS A 286 -19.82 -21.55 -10.71
C LYS A 286 -18.55 -20.71 -10.49
N GLN A 287 -18.06 -20.12 -11.57
CA GLN A 287 -16.90 -19.24 -11.52
C GLN A 287 -17.33 -17.85 -11.94
N ILE A 288 -16.61 -16.86 -11.41
CA ILE A 288 -16.72 -15.46 -11.82
C ILE A 288 -15.31 -15.03 -12.22
N LEU A 289 -15.16 -14.62 -13.48
CA LEU A 289 -13.87 -14.22 -14.03
C LEU A 289 -12.79 -15.26 -13.74
N GLY A 290 -13.19 -16.54 -13.78
CA GLY A 290 -12.27 -17.63 -13.57
C GLY A 290 -11.92 -17.92 -12.11
N SER A 291 -12.62 -17.29 -11.17
CA SER A 291 -12.37 -17.42 -9.74
C SER A 291 -13.59 -18.04 -9.07
N THR A 292 -13.36 -18.91 -8.09
CA THR A 292 -14.42 -19.42 -7.24
C THR A 292 -14.46 -18.76 -5.87
N MET A 293 -13.73 -17.66 -5.68
CA MET A 293 -13.77 -16.89 -4.45
C MET A 293 -13.96 -15.42 -4.80
N LEU A 294 -14.55 -14.68 -3.86
CA LEU A 294 -14.67 -13.23 -4.01
C LEU A 294 -13.30 -12.58 -4.06
N GLU A 295 -13.14 -11.60 -4.93
CA GLU A 295 -11.87 -10.94 -5.21
C GLU A 295 -11.96 -9.50 -4.75
N ASP A 296 -11.03 -9.06 -3.89
CA ASP A 296 -11.11 -7.70 -3.37
C ASP A 296 -9.81 -6.91 -3.59
N GLU A 297 -8.94 -7.37 -4.49
CA GLU A 297 -7.67 -6.69 -4.73
C GLU A 297 -7.71 -5.75 -5.94
N PHE A 298 -8.88 -5.53 -6.52
CA PHE A 298 -9.05 -4.56 -7.60
C PHE A 298 -10.01 -3.47 -7.15
N THR A 299 -9.63 -2.22 -7.39
CA THR A 299 -10.43 -1.09 -6.97
C THR A 299 -11.41 -0.68 -8.07
N PRO A 300 -12.43 0.10 -7.70
CA PRO A 300 -13.28 0.70 -8.74
C PRO A 300 -12.48 1.51 -9.74
N GLU A 301 -11.46 2.23 -9.27
CA GLU A 301 -10.59 2.98 -10.17
C GLU A 301 -9.82 2.06 -11.12
N ASP A 302 -9.41 0.87 -10.64
CA ASP A 302 -8.74 -0.09 -11.51
C ASP A 302 -9.65 -0.53 -12.65
N VAL A 303 -10.91 -0.82 -12.32
CA VAL A 303 -11.85 -1.33 -13.30
C VAL A 303 -12.21 -0.24 -14.29
N ASN A 304 -12.38 0.99 -13.81
CA ASN A 304 -12.67 2.13 -14.69
C ASN A 304 -11.51 2.36 -15.66
N MET A 305 -10.28 2.30 -15.15
CA MET A 305 -9.10 2.59 -15.95
C MET A 305 -8.84 1.49 -16.98
N GLN A 306 -8.73 0.24 -16.52
CA GLN A 306 -8.18 -0.81 -17.38
C GLN A 306 -9.20 -1.37 -18.36
N ILE A 307 -10.48 -1.36 -18.00
CA ILE A 307 -11.53 -1.88 -18.84
C ILE A 307 -12.24 -0.77 -19.60
N MET A 308 -12.65 0.28 -18.90
CA MET A 308 -13.42 1.37 -19.49
C MET A 308 -12.56 2.48 -20.09
N GLY A 309 -11.27 2.53 -19.81
CA GLY A 309 -10.43 3.57 -20.37
C GLY A 309 -10.52 4.93 -19.70
N VAL A 310 -10.97 5.01 -18.45
CA VAL A 310 -11.27 6.28 -17.79
C VAL A 310 -10.39 6.45 -16.56
N VAL A 311 -9.56 7.50 -16.56
CA VAL A 311 -8.91 7.97 -15.34
C VAL A 311 -9.79 9.08 -14.76
N MET A 312 -9.50 9.51 -13.54
CA MET A 312 -10.23 10.61 -12.92
C MET A 312 -9.62 10.94 -11.56
#